data_5BN6
#
_entry.id   5BN6
#
_cell.length_a   75.926
_cell.length_b   74.606
_cell.length_c   119.042
_cell.angle_alpha   90.000
_cell.angle_beta   96.790
_cell.angle_gamma   90.000
#
_symmetry.space_group_name_H-M   'I 1 2 1'
#
loop_
_entity.id
_entity.type
_entity.pdbx_description
1 polymer Jacalin
2 polymer Jacalin
3 non-polymer beta-D-galactopyranose
4 water water
#
loop_
_entity_poly.entity_id
_entity_poly.type
_entity_poly.pdbx_seq_one_letter_code
_entity_poly.pdbx_strand_id
1 'polypeptide(L)' AEQSGKSQTVIVGPWGAQV A,B,C,D
2 'polypeptide(L)'
;STSSNGKAFDDGAFTGIREINLSYNKETAIGDFQVIYDLNGSPFVGQNHTSFITGFTPVKISLDFPSEYIIEVSGHTGKV
SGYVVVRSLAFKTNKKTYGPYGVTSGTPFNLPIENGLIVGFKGSIGYWLDYFSMYLSL
;
E,F,G,H
#
# COMPACT_ATOMS: atom_id res chain seq x y z
N GLN A 3 0.68 -2.06 -16.72
CA GLN A 3 1.60 -1.58 -15.71
C GLN A 3 2.36 -0.34 -16.20
N SER A 4 2.32 0.72 -15.40
CA SER A 4 2.85 2.03 -15.81
C SER A 4 4.35 2.16 -15.62
N GLY A 5 4.93 1.32 -14.76
CA GLY A 5 6.36 1.41 -14.45
C GLY A 5 6.67 2.44 -13.37
N LYS A 6 5.62 3.10 -12.87
CA LYS A 6 5.75 4.13 -11.85
C LYS A 6 4.90 3.76 -10.64
N SER A 7 5.42 4.00 -9.43
CA SER A 7 4.66 3.65 -8.23
C SER A 7 3.36 4.44 -8.12
N GLN A 8 2.37 3.86 -7.47
CA GLN A 8 1.06 4.51 -7.27
C GLN A 8 0.84 4.76 -5.78
N THR A 9 0.12 5.82 -5.44
CA THR A 9 -0.34 6.01 -4.06
C THR A 9 -1.77 6.53 -4.06
N VAL A 10 -2.45 6.33 -2.94
CA VAL A 10 -3.76 6.93 -2.72
C VAL A 10 -3.68 8.44 -2.78
N ILE A 11 -4.62 9.07 -3.48
CA ILE A 11 -4.73 10.52 -3.48
C ILE A 11 -6.15 10.89 -3.09
N VAL A 12 -6.30 11.80 -2.12
CA VAL A 12 -7.61 12.32 -1.75
C VAL A 12 -7.72 13.78 -2.13
N GLY A 13 -8.93 14.19 -2.46
CA GLY A 13 -9.16 15.53 -3.01
C GLY A 13 -9.68 15.40 -4.43
N PRO A 14 -9.77 16.52 -5.15
CA PRO A 14 -9.35 17.85 -4.71
C PRO A 14 -10.42 18.60 -3.91
N TRP A 15 -9.98 19.51 -3.07
CA TRP A 15 -10.83 20.49 -2.41
C TRP A 15 -10.58 21.84 -3.04
N GLY A 16 -11.66 22.52 -3.43
CA GLY A 16 -11.54 23.79 -4.12
C GLY A 16 -12.31 23.72 -5.42
N ALA A 17 -11.84 24.43 -6.44
CA ALA A 17 -12.54 24.47 -7.72
C ALA A 17 -12.55 23.07 -8.32
N GLN A 18 -13.61 22.72 -9.04
CA GLN A 18 -13.72 21.36 -9.57
C GLN A 18 -13.41 21.29 -11.06
N VAL A 19 -12.18 20.90 -11.38
CA VAL A 19 -11.71 20.78 -12.76
C VAL A 19 -10.69 19.65 -12.90
N GLY B 6 -5.90 28.48 -13.29
CA GLY B 6 -4.59 28.64 -12.69
C GLY B 6 -3.60 27.60 -13.20
N LYS B 7 -2.37 27.68 -12.72
CA LYS B 7 -1.33 26.75 -13.13
C LYS B 7 -1.32 25.50 -12.24
N ALA B 8 -1.46 24.34 -12.86
CA ALA B 8 -1.44 23.10 -12.11
C ALA B 8 -0.05 22.79 -11.58
N PHE B 9 0.01 22.18 -10.41
CA PHE B 9 1.27 21.68 -9.88
C PHE B 9 1.05 20.29 -9.30
N ASP B 10 2.13 19.51 -9.23
CA ASP B 10 2.04 18.16 -8.69
C ASP B 10 3.43 17.78 -8.18
N ASP B 11 3.59 17.75 -6.86
CA ASP B 11 4.90 17.46 -6.28
C ASP B 11 5.23 15.98 -6.34
N GLY B 12 4.20 15.15 -6.42
CA GLY B 12 4.39 13.72 -6.33
C GLY B 12 4.49 13.24 -4.89
N ALA B 13 4.97 12.02 -4.69
CA ALA B 13 4.96 11.42 -3.35
C ALA B 13 6.37 11.25 -2.78
N PHE B 14 6.45 11.35 -1.45
CA PHE B 14 7.72 11.28 -0.74
C PHE B 14 7.59 10.40 0.51
N THR B 15 8.50 10.59 1.47
CA THR B 15 8.60 9.78 2.69
C THR B 15 7.88 10.42 3.88
N GLY B 16 7.68 11.73 3.80
CA GLY B 16 7.07 12.48 4.89
C GLY B 16 7.17 13.97 4.64
N ILE B 17 6.83 14.77 5.65
CA ILE B 17 6.82 16.22 5.52
C ILE B 17 7.69 16.86 6.59
N ARG B 18 8.58 17.76 6.18
CA ARG B 18 9.41 18.49 7.13
C ARG B 18 8.96 19.95 7.35
N GLU B 19 8.51 20.60 6.30
CA GLU B 19 8.19 22.02 6.40
C GLU B 19 7.21 22.44 5.31
N ILE B 20 6.24 23.26 5.68
CA ILE B 20 5.33 23.85 4.71
C ILE B 20 5.49 25.37 4.73
N ASN B 21 5.70 25.93 3.54
CA ASN B 21 5.83 27.36 3.39
C ASN B 21 4.67 27.85 2.53
N LEU B 22 3.73 28.57 3.13
CA LEU B 22 2.61 29.03 2.33
C LEU B 22 2.43 30.53 2.57
N SER B 23 1.63 31.17 1.73
CA SER B 23 1.30 32.55 2.00
C SER B 23 -0.19 32.73 1.88
N TYR B 24 -0.72 33.80 2.46
CA TYR B 24 -2.17 33.98 2.51
C TYR B 24 -2.49 35.46 2.62
N ASN B 25 -3.73 35.80 2.27
CA ASN B 25 -4.20 37.16 2.44
C ASN B 25 -5.51 37.10 3.22
N LYS B 26 -5.61 37.90 4.28
CA LYS B 26 -6.74 37.76 5.18
C LYS B 26 -8.03 38.33 4.61
N GLU B 27 -7.97 38.90 3.41
CA GLU B 27 -9.21 39.33 2.75
C GLU B 27 -9.59 38.48 1.54
N THR B 28 -8.70 37.60 1.12
CA THR B 28 -8.99 36.77 -0.03
C THR B 28 -8.84 35.29 0.27
N ALA B 29 -7.61 34.77 0.17
CA ALA B 29 -7.44 33.33 0.19
C ALA B 29 -5.97 32.95 0.27
N ILE B 30 -5.70 31.64 0.20
CA ILE B 30 -4.34 31.14 0.12
C ILE B 30 -3.68 31.55 -1.19
N GLY B 31 -2.41 31.93 -1.13
CA GLY B 31 -1.64 32.27 -2.30
C GLY B 31 -0.57 31.25 -2.63
N ASP B 32 0.64 31.50 -2.19
CA ASP B 32 1.79 30.65 -2.53
C ASP B 32 1.82 29.35 -1.71
N PHE B 33 2.45 28.30 -2.25
CA PHE B 33 2.51 27.04 -1.55
C PHE B 33 3.79 26.28 -1.91
N GLN B 34 4.52 25.82 -0.90
CA GLN B 34 5.79 25.13 -1.14
C GLN B 34 6.03 24.18 0.02
N VAL B 35 6.67 23.04 -0.26
CA VAL B 35 6.87 22.05 0.77
C VAL B 35 8.29 21.50 0.74
N ILE B 36 8.91 21.42 1.92
CA ILE B 36 10.11 20.61 2.08
C ILE B 36 9.69 19.23 2.60
N TYR B 37 9.83 18.24 1.74
CA TYR B 37 9.51 16.86 2.07
C TYR B 37 10.65 16.16 2.77
N ASP B 38 10.34 15.05 3.41
CA ASP B 38 11.38 14.09 3.70
C ASP B 38 11.47 13.11 2.55
N LEU B 39 12.70 12.76 2.19
CA LEU B 39 12.95 11.70 1.24
C LEU B 39 13.97 10.75 1.83
N ASN B 40 13.49 9.64 2.39
CA ASN B 40 14.36 8.61 2.95
C ASN B 40 15.38 9.17 3.95
N GLY B 41 14.93 10.12 4.76
CA GLY B 41 15.73 10.64 5.85
C GLY B 41 16.49 11.92 5.59
N SER B 42 16.39 12.44 4.36
CA SER B 42 17.02 13.71 4.01
C SER B 42 15.95 14.64 3.48
N PRO B 43 16.13 15.95 3.67
CA PRO B 43 15.15 16.89 3.10
C PRO B 43 15.14 16.87 1.58
N PHE B 44 13.96 17.00 0.99
CA PHE B 44 13.84 17.27 -0.43
C PHE B 44 13.02 18.53 -0.61
N VAL B 45 13.63 19.55 -1.19
CA VAL B 45 12.98 20.84 -1.37
C VAL B 45 12.05 20.84 -2.57
N GLY B 46 10.75 20.88 -2.31
CA GLY B 46 9.77 21.00 -3.38
C GLY B 46 9.82 22.34 -4.10
N GLN B 47 9.35 22.35 -5.33
CA GLN B 47 9.27 23.57 -6.12
C GLN B 47 8.39 24.61 -5.42
N ASN B 48 8.76 25.87 -5.55
CA ASN B 48 7.92 26.94 -5.05
C ASN B 48 6.77 27.18 -6.03
N HIS B 49 5.54 26.98 -5.58
CA HIS B 49 4.39 27.22 -6.43
C HIS B 49 3.83 28.58 -6.07
N THR B 50 3.74 29.45 -7.06
CA THR B 50 3.48 30.85 -6.76
C THR B 50 2.21 31.38 -7.36
N SER B 51 1.51 32.19 -6.58
CA SER B 51 0.39 32.97 -7.10
C SER B 51 0.82 33.89 -8.23
N PHE B 52 -0.12 34.24 -9.10
CA PHE B 52 0.10 35.20 -10.16
C PHE B 52 0.31 36.62 -9.61
N ILE B 53 -0.11 36.84 -8.36
CA ILE B 53 -0.04 38.18 -7.78
C ILE B 53 0.70 38.17 -6.44
N THR B 54 0.93 39.36 -5.89
CA THR B 54 1.63 39.49 -4.61
C THR B 54 0.68 40.07 -3.56
N GLY B 55 1.25 40.56 -2.46
CA GLY B 55 0.47 41.12 -1.37
C GLY B 55 0.12 40.11 -0.27
N PHE B 56 0.70 38.93 -0.36
CA PHE B 56 0.42 37.88 0.61
C PHE B 56 1.35 37.94 1.82
N THR B 57 0.90 37.32 2.90
CA THR B 57 1.70 37.18 4.10
C THR B 57 2.27 35.77 4.17
N PRO B 58 3.61 35.64 4.23
CA PRO B 58 4.18 34.29 4.30
C PRO B 58 4.19 33.72 5.71
N VAL B 59 4.02 32.40 5.81
CA VAL B 59 4.23 31.70 7.07
C VAL B 59 5.03 30.43 6.82
N LYS B 60 5.93 30.13 7.75
CA LYS B 60 6.74 28.93 7.69
C LYS B 60 6.25 27.97 8.77
N ILE B 61 5.85 26.76 8.35
CA ILE B 61 5.39 25.74 9.28
C ILE B 61 6.44 24.65 9.36
N SER B 62 7.31 24.75 10.37
CA SER B 62 8.46 23.85 10.48
C SER B 62 8.16 22.72 11.45
N LEU B 63 7.94 21.52 10.92
CA LEU B 63 7.60 20.38 11.75
C LEU B 63 8.82 19.69 12.34
N ASP B 64 8.67 19.14 13.55
CA ASP B 64 9.73 18.36 14.16
C ASP B 64 9.68 16.91 13.64
N PHE B 65 9.93 16.77 12.34
CA PHE B 65 9.93 15.48 11.69
C PHE B 65 11.01 14.60 12.28
N PRO B 66 10.73 13.30 12.49
CA PRO B 66 9.50 12.57 12.21
C PRO B 66 8.58 12.43 13.41
N SER B 67 8.98 12.89 14.59
CA SER B 67 8.14 12.68 15.78
C SER B 67 6.85 13.51 15.69
N GLU B 68 6.90 14.63 14.96
CA GLU B 68 5.72 15.44 14.71
C GLU B 68 5.23 15.28 13.28
N TYR B 69 3.96 14.95 13.12
CA TYR B 69 3.39 14.77 11.78
C TYR B 69 1.93 15.18 11.77
N ILE B 70 1.44 15.52 10.59
CA ILE B 70 0.08 16.02 10.41
C ILE B 70 -0.95 14.92 10.63
N ILE B 71 -1.97 15.19 11.44
CA ILE B 71 -3.03 14.23 11.68
C ILE B 71 -4.39 14.73 11.18
N GLU B 72 -4.47 16.01 10.81
CA GLU B 72 -5.70 16.52 10.22
C GLU B 72 -5.41 17.80 9.44
N VAL B 73 -5.99 17.90 8.25
CA VAL B 73 -5.93 19.10 7.44
C VAL B 73 -7.35 19.62 7.29
N SER B 74 -7.54 20.92 7.52
CA SER B 74 -8.88 21.49 7.42
C SER B 74 -8.81 22.87 6.77
N GLY B 75 -9.95 23.42 6.41
CA GLY B 75 -9.98 24.75 5.82
C GLY B 75 -11.33 25.10 5.26
N HIS B 76 -11.33 26.05 4.33
CA HIS B 76 -12.56 26.54 3.73
C HIS B 76 -12.37 26.74 2.25
N THR B 77 -13.43 26.54 1.48
CA THR B 77 -13.42 26.91 0.07
C THR B 77 -14.60 27.84 -0.20
N GLY B 78 -14.46 28.70 -1.19
CA GLY B 78 -15.50 29.63 -1.52
C GLY B 78 -15.04 30.56 -2.60
N LYS B 79 -15.93 31.47 -3.00
CA LYS B 79 -15.66 32.34 -4.13
C LYS B 79 -14.90 33.60 -3.76
N VAL B 80 -13.90 33.90 -4.58
CA VAL B 80 -13.16 35.15 -4.53
C VAL B 80 -13.08 35.66 -5.96
N SER B 81 -13.62 36.85 -6.20
CA SER B 81 -13.72 37.43 -7.53
C SER B 81 -14.34 36.48 -8.56
N GLY B 82 -15.33 35.71 -8.13
CA GLY B 82 -16.02 34.80 -9.02
C GLY B 82 -15.41 33.41 -9.11
N TYR B 83 -14.21 33.23 -8.56
CA TYR B 83 -13.50 31.95 -8.63
C TYR B 83 -13.62 31.17 -7.33
N VAL B 84 -13.93 29.88 -7.45
CA VAL B 84 -13.87 28.98 -6.30
C VAL B 84 -12.42 28.69 -5.97
N VAL B 85 -12.02 29.01 -4.75
CA VAL B 85 -10.62 28.87 -4.34
C VAL B 85 -10.54 28.33 -2.90
N VAL B 86 -9.33 27.99 -2.47
CA VAL B 86 -9.09 27.53 -1.12
C VAL B 86 -8.84 28.78 -0.26
N ARG B 87 -9.81 29.13 0.58
CA ARG B 87 -9.76 30.40 1.31
C ARG B 87 -8.93 30.32 2.58
N SER B 88 -8.94 29.17 3.25
CA SER B 88 -8.11 29.01 4.43
C SER B 88 -7.61 27.59 4.55
N LEU B 89 -6.53 27.44 5.31
CA LEU B 89 -5.95 26.15 5.63
C LEU B 89 -5.52 26.11 7.08
N ALA B 90 -5.74 24.97 7.72
CA ALA B 90 -5.20 24.71 9.05
C ALA B 90 -4.57 23.32 9.05
N PHE B 91 -3.42 23.19 9.70
CA PHE B 91 -2.73 21.91 9.77
C PHE B 91 -2.59 21.50 11.22
N LYS B 92 -3.25 20.40 11.60
CA LYS B 92 -3.14 19.90 12.97
C LYS B 92 -2.17 18.75 13.01
N THR B 93 -1.18 18.83 13.89
CA THR B 93 -0.25 17.70 14.08
C THR B 93 -0.54 17.05 15.42
N ASN B 94 0.22 16.00 15.73
CA ASN B 94 0.08 15.34 17.01
C ASN B 94 0.62 16.19 18.16
N LYS B 95 1.17 17.35 17.81
CA LYS B 95 1.75 18.26 18.79
C LYS B 95 0.98 19.56 18.94
N LYS B 96 0.53 20.13 17.81
CA LYS B 96 -0.19 21.41 17.87
C LYS B 96 -0.93 21.71 16.58
N THR B 97 -1.58 22.87 16.55
CA THR B 97 -2.30 23.30 15.37
C THR B 97 -1.65 24.53 14.75
N TYR B 98 -1.45 24.49 13.45
CA TYR B 98 -0.93 25.62 12.70
C TYR B 98 -2.04 26.24 11.88
N GLY B 99 -2.39 27.49 12.18
CA GLY B 99 -3.48 28.14 11.49
C GLY B 99 -4.72 28.27 12.36
N PRO B 100 -5.87 28.60 11.74
CA PRO B 100 -6.10 28.77 10.31
C PRO B 100 -5.44 30.01 9.71
N TYR B 101 -4.99 29.86 8.48
CA TYR B 101 -4.42 30.96 7.69
C TYR B 101 -5.37 31.33 6.56
N GLY B 102 -5.71 32.60 6.45
CA GLY B 102 -6.56 33.03 5.35
C GLY B 102 -7.90 33.56 5.81
N VAL B 103 -8.95 33.22 5.07
CA VAL B 103 -10.29 33.66 5.39
C VAL B 103 -11.12 32.46 5.81
N THR B 104 -11.63 32.48 7.05
CA THR B 104 -12.36 31.32 7.56
C THR B 104 -13.85 31.43 7.25
N SER B 105 -14.17 31.53 5.97
CA SER B 105 -15.58 31.56 5.58
C SER B 105 -15.78 30.79 4.29
N GLY B 106 -17.01 30.36 4.07
CA GLY B 106 -17.34 29.52 2.94
C GLY B 106 -17.69 28.13 3.41
N THR B 107 -17.40 27.15 2.57
CA THR B 107 -17.69 25.76 2.88
C THR B 107 -16.49 25.14 3.57
N PRO B 108 -16.69 24.69 4.82
CA PRO B 108 -15.57 24.01 5.50
C PRO B 108 -15.29 22.63 4.92
N PHE B 109 -14.04 22.18 5.06
CA PHE B 109 -13.73 20.78 4.80
C PHE B 109 -12.74 20.35 5.86
N ASN B 110 -12.64 19.05 6.09
CA ASN B 110 -11.64 18.55 7.03
C ASN B 110 -11.31 17.11 6.74
N LEU B 111 -10.02 16.80 6.81
CA LEU B 111 -9.54 15.45 6.57
C LEU B 111 -8.74 14.98 7.75
N PRO B 112 -9.41 14.29 8.69
CA PRO B 112 -8.66 13.69 9.78
C PRO B 112 -8.08 12.37 9.31
N ILE B 113 -6.87 12.06 9.76
CA ILE B 113 -6.24 10.82 9.35
C ILE B 113 -6.10 9.95 10.59
N GLU B 114 -6.81 8.83 10.57
CA GLU B 114 -6.80 7.91 11.71
C GLU B 114 -5.60 6.97 11.64
N ASN B 115 -5.28 6.53 10.43
CA ASN B 115 -4.10 5.71 10.17
C ASN B 115 -3.51 6.08 8.83
N GLY B 116 -2.26 6.51 8.82
CA GLY B 116 -1.62 6.90 7.58
C GLY B 116 -0.91 8.22 7.70
N LEU B 117 -0.34 8.66 6.57
CA LEU B 117 0.51 9.85 6.53
C LEU B 117 0.29 10.58 5.23
N ILE B 118 0.35 11.90 5.29
CA ILE B 118 0.40 12.73 4.08
C ILE B 118 1.83 12.78 3.56
N VAL B 119 2.02 12.47 2.28
CA VAL B 119 3.37 12.42 1.73
C VAL B 119 3.55 13.19 0.43
N GLY B 120 2.58 14.02 0.08
CA GLY B 120 2.69 14.79 -1.13
C GLY B 120 1.48 15.67 -1.34
N PHE B 121 1.68 16.75 -2.08
CA PHE B 121 0.61 17.68 -2.42
C PHE B 121 0.57 17.93 -3.93
N LYS B 122 -0.63 18.14 -4.46
CA LYS B 122 -0.78 18.62 -5.82
C LYS B 122 -1.94 19.59 -5.82
N GLY B 123 -2.08 20.36 -6.90
CA GLY B 123 -3.17 21.32 -6.95
C GLY B 123 -3.04 22.26 -8.13
N SER B 124 -3.51 23.48 -7.94
CA SER B 124 -3.44 24.52 -8.94
C SER B 124 -3.47 25.89 -8.26
N ILE B 125 -2.68 26.83 -8.78
CA ILE B 125 -2.68 28.19 -8.24
C ILE B 125 -2.75 29.20 -9.37
N GLY B 126 -3.70 30.13 -9.27
CA GLY B 126 -3.77 31.26 -10.18
C GLY B 126 -3.49 32.50 -9.35
N TYR B 127 -4.48 33.40 -9.26
CA TYR B 127 -4.41 34.46 -8.26
C TYR B 127 -4.32 33.83 -6.88
N TRP B 128 -5.09 32.76 -6.67
CA TRP B 128 -5.13 32.05 -5.39
C TRP B 128 -5.03 30.54 -5.61
N LEU B 129 -4.82 29.81 -4.53
CA LEU B 129 -4.87 28.35 -4.61
C LEU B 129 -6.27 27.90 -5.05
N ASP B 130 -6.38 27.35 -6.26
CA ASP B 130 -7.67 26.98 -6.83
C ASP B 130 -8.21 25.74 -6.14
N TYR B 131 -7.33 24.76 -5.99
CA TYR B 131 -7.68 23.50 -5.37
C TYR B 131 -6.41 22.77 -4.97
N PHE B 132 -6.55 21.76 -4.12
CA PHE B 132 -5.41 20.89 -3.82
C PHE B 132 -5.86 19.50 -3.45
N SER B 133 -4.95 18.55 -3.58
CA SER B 133 -5.17 17.16 -3.23
C SER B 133 -3.97 16.69 -2.44
N MET B 134 -4.11 15.59 -1.71
CA MET B 134 -3.03 15.06 -0.89
C MET B 134 -2.76 13.60 -1.17
N TYR B 135 -1.48 13.25 -1.25
CA TYR B 135 -1.02 11.86 -1.33
C TYR B 135 -1.00 11.24 0.06
N LEU B 136 -1.59 10.06 0.19
CA LEU B 136 -1.64 9.37 1.49
C LEU B 136 -1.01 8.00 1.38
N SER B 137 -0.30 7.61 2.43
CA SER B 137 0.30 6.27 2.47
C SER B 137 0.36 5.77 3.91
N LEU B 138 0.72 4.49 4.07
CA LEU B 138 1.04 3.93 5.38
C LEU B 138 2.49 4.20 5.79
N ALA C 1 3.11 -6.44 9.90
CA ALA C 1 4.31 -6.45 9.06
C ALA C 1 5.51 -6.92 9.88
N GLU C 2 6.34 -5.96 10.29
CA GLU C 2 7.49 -6.26 11.15
C GLU C 2 7.11 -6.02 12.60
N GLN C 3 5.84 -6.29 12.91
CA GLN C 3 5.31 -6.05 14.25
C GLN C 3 4.13 -7.00 14.53
N SER C 4 3.05 -6.82 13.79
CA SER C 4 1.87 -7.66 14.00
C SER C 4 1.58 -8.51 12.77
N GLY C 5 0.88 -9.62 12.99
CA GLY C 5 0.52 -10.50 11.90
C GLY C 5 -0.75 -10.06 11.21
N LYS C 6 -1.17 -8.82 11.45
CA LYS C 6 -2.42 -8.33 10.88
C LYS C 6 -2.15 -7.17 9.92
N SER C 7 -2.74 -7.25 8.74
CA SER C 7 -2.55 -6.25 7.71
C SER C 7 -3.05 -4.87 8.11
N GLN C 8 -2.47 -3.84 7.51
CA GLN C 8 -2.83 -2.46 7.78
C GLN C 8 -3.42 -1.79 6.55
N THR C 9 -4.20 -0.74 6.79
CA THR C 9 -4.86 0.01 5.73
C THR C 9 -4.90 1.49 6.13
N VAL C 10 -4.77 2.41 5.19
CA VAL C 10 -5.05 3.82 5.47
C VAL C 10 -6.49 3.95 5.96
N ILE C 11 -6.69 4.73 7.02
CA ILE C 11 -8.05 5.03 7.50
C ILE C 11 -8.19 6.53 7.66
N VAL C 12 -9.26 7.09 7.06
CA VAL C 12 -9.56 8.51 7.22
C VAL C 12 -10.87 8.68 7.97
N GLY C 13 -10.98 9.79 8.71
CA GLY C 13 -12.04 9.95 9.69
C GLY C 13 -11.45 10.02 11.09
N PRO C 14 -12.31 10.04 12.11
CA PRO C 14 -13.78 9.97 12.03
C PRO C 14 -14.41 11.31 11.71
N TRP C 15 -15.58 11.25 11.07
CA TRP C 15 -16.46 12.40 10.96
C TRP C 15 -17.66 12.15 11.87
N GLY C 16 -18.01 13.15 12.68
CA GLY C 16 -19.09 13.01 13.64
C GLY C 16 -18.62 13.24 15.06
N ALA C 17 -19.22 12.54 16.02
CA ALA C 17 -18.82 12.68 17.41
C ALA C 17 -17.32 12.35 17.55
N GLN C 18 -16.61 13.22 18.25
CA GLN C 18 -15.17 13.05 18.43
C GLN C 18 -14.92 12.47 19.81
N VAL C 19 -14.64 11.17 19.84
CA VAL C 19 -14.45 10.45 21.10
C VAL C 19 -13.04 9.88 21.19
N GLY D 6 -22.98 5.32 21.81
CA GLY D 6 -23.49 4.35 20.85
C GLY D 6 -22.68 3.07 20.88
N LYS D 7 -23.10 2.11 20.07
CA LYS D 7 -22.39 0.84 19.95
C LYS D 7 -21.40 0.92 18.81
N ALA D 8 -20.11 0.80 19.12
CA ALA D 8 -19.06 0.86 18.10
C ALA D 8 -19.10 -0.33 17.17
N PHE D 9 -18.70 -0.12 15.92
CA PHE D 9 -18.54 -1.22 15.00
C PHE D 9 -17.30 -1.02 14.15
N ASP D 10 -16.76 -2.11 13.65
CA ASP D 10 -15.62 -2.04 12.74
C ASP D 10 -15.69 -3.21 11.76
N ASP D 11 -16.08 -2.92 10.52
CA ASP D 11 -16.19 -3.97 9.51
C ASP D 11 -14.83 -4.48 9.05
N GLY D 12 -13.82 -3.61 9.11
CA GLY D 12 -12.50 -3.92 8.59
C GLY D 12 -12.40 -3.61 7.11
N ALA D 13 -11.42 -4.22 6.45
CA ALA D 13 -11.13 -3.93 5.04
C ALA D 13 -11.39 -5.13 4.13
N PHE D 14 -11.77 -4.82 2.89
CA PHE D 14 -12.18 -5.80 1.89
C PHE D 14 -11.61 -5.41 0.53
N THR D 15 -12.15 -5.95 -0.55
CA THR D 15 -11.54 -5.66 -1.85
C THR D 15 -12.38 -4.69 -2.67
N GLY D 16 -13.55 -4.33 -2.15
CA GLY D 16 -14.40 -3.36 -2.81
C GLY D 16 -15.79 -3.31 -2.18
N ILE D 17 -16.69 -2.56 -2.80
CA ILE D 17 -18.06 -2.40 -2.28
C ILE D 17 -19.09 -2.75 -3.35
N ARG D 18 -20.07 -3.58 -2.97
CA ARG D 18 -21.14 -3.98 -3.87
C ARG D 18 -22.47 -3.28 -3.56
N GLU D 19 -22.79 -3.11 -2.28
CA GLU D 19 -24.09 -2.57 -1.89
C GLU D 19 -23.98 -1.89 -0.54
N ILE D 20 -24.67 -0.74 -0.40
CA ILE D 20 -24.81 -0.10 0.91
C ILE D 20 -26.28 -0.02 1.29
N ASN D 21 -26.61 -0.54 2.46
CA ASN D 21 -27.97 -0.48 2.98
C ASN D 21 -28.00 0.45 4.20
N LEU D 22 -28.67 1.59 4.07
CA LEU D 22 -28.70 2.51 5.20
C LEU D 22 -30.13 2.99 5.43
N SER D 23 -30.39 3.57 6.60
CA SER D 23 -31.67 4.20 6.84
C SER D 23 -31.48 5.61 7.38
N TYR D 24 -32.49 6.43 7.21
CA TYR D 24 -32.42 7.83 7.59
C TYR D 24 -33.78 8.33 8.03
N ASN D 25 -33.78 9.48 8.69
CA ASN D 25 -35.00 10.14 9.07
C ASN D 25 -34.84 11.63 8.75
N LYS D 26 -35.77 12.20 7.99
CA LYS D 26 -35.61 13.57 7.47
C LYS D 26 -35.75 14.63 8.55
N GLU D 27 -36.05 14.22 9.77
CA GLU D 27 -36.12 15.14 10.88
C GLU D 27 -34.91 15.03 11.81
N THR D 28 -34.17 13.94 11.72
CA THR D 28 -33.07 13.71 12.65
C THR D 28 -31.72 13.45 11.95
N ALA D 29 -31.43 12.19 11.64
CA ALA D 29 -30.10 11.84 11.14
C ALA D 29 -30.09 10.46 10.48
N ILE D 30 -28.88 9.97 10.20
CA ILE D 30 -28.70 8.61 9.72
C ILE D 30 -28.93 7.61 10.85
N GLY D 31 -29.62 6.51 10.56
CA GLY D 31 -29.83 5.47 11.54
C GLY D 31 -29.01 4.22 11.27
N ASP D 32 -29.62 3.26 10.58
CA ASP D 32 -28.97 1.97 10.31
C ASP D 32 -27.91 2.03 9.20
N PHE D 33 -26.91 1.16 9.29
CA PHE D 33 -25.85 1.11 8.28
C PHE D 33 -25.33 -0.32 8.09
N GLN D 34 -25.27 -0.76 6.84
CA GLN D 34 -24.80 -2.11 6.53
C GLN D 34 -24.19 -2.12 5.14
N VAL D 35 -23.14 -2.90 4.95
CA VAL D 35 -22.49 -2.93 3.65
C VAL D 35 -22.31 -4.36 3.15
N ILE D 36 -22.61 -4.58 1.87
CA ILE D 36 -22.22 -5.82 1.22
C ILE D 36 -20.91 -5.48 0.49
N TYR D 37 -19.82 -6.07 0.97
CA TYR D 37 -18.50 -5.84 0.38
C TYR D 37 -18.23 -6.81 -0.75
N ASP D 38 -17.23 -6.48 -1.58
CA ASP D 38 -16.62 -7.53 -2.38
C ASP D 38 -15.46 -8.11 -1.62
N LEU D 39 -15.33 -9.44 -1.67
CA LEU D 39 -14.16 -10.09 -1.13
C LEU D 39 -13.60 -11.03 -2.18
N ASN D 40 -12.53 -10.59 -2.85
CA ASN D 40 -11.89 -11.37 -3.89
C ASN D 40 -12.89 -11.95 -4.90
N GLY D 41 -13.81 -11.10 -5.32
CA GLY D 41 -14.71 -11.43 -6.42
C GLY D 41 -16.06 -12.02 -6.03
N SER D 42 -16.27 -12.23 -4.74
CA SER D 42 -17.55 -12.73 -4.25
C SER D 42 -18.10 -11.79 -3.18
N PRO D 43 -19.44 -11.70 -3.08
CA PRO D 43 -19.99 -10.82 -2.04
C PRO D 43 -19.59 -11.28 -0.66
N PHE D 44 -19.37 -10.32 0.24
CA PHE D 44 -19.24 -10.62 1.66
C PHE D 44 -20.25 -9.75 2.37
N VAL D 45 -21.20 -10.38 3.04
CA VAL D 45 -22.27 -9.64 3.68
C VAL D 45 -21.85 -9.11 5.05
N GLY D 46 -21.68 -7.81 5.14
CA GLY D 46 -21.27 -7.17 6.39
C GLY D 46 -22.38 -7.25 7.41
N GLN D 47 -22.01 -7.18 8.68
CA GLN D 47 -23.00 -7.19 9.75
C GLN D 47 -23.93 -5.98 9.67
N ASN D 48 -25.20 -6.18 9.99
CA ASN D 48 -26.13 -5.07 10.16
C ASN D 48 -25.78 -4.26 11.41
N HIS D 49 -25.58 -2.95 11.25
CA HIS D 49 -25.36 -2.09 12.40
C HIS D 49 -26.63 -1.25 12.59
N THR D 50 -27.32 -1.52 13.69
CA THR D 50 -28.69 -1.05 13.83
C THR D 50 -28.86 0.04 14.87
N SER D 51 -29.69 1.03 14.54
CA SER D 51 -30.09 2.04 15.51
C SER D 51 -30.83 1.42 16.69
N PHE D 52 -30.73 2.08 17.84
CA PHE D 52 -31.47 1.68 19.04
C PHE D 52 -32.98 1.90 18.87
N ILE D 53 -33.36 2.71 17.89
CA ILE D 53 -34.77 3.04 17.69
C ILE D 53 -35.21 2.77 16.25
N THR D 54 -36.50 2.90 16.00
CA THR D 54 -37.01 2.69 14.64
C THR D 54 -37.57 3.99 14.08
N GLY D 55 -38.40 3.89 13.05
CA GLY D 55 -38.96 5.06 12.41
C GLY D 55 -38.13 5.59 11.24
N PHE D 56 -37.12 4.84 10.83
CA PHE D 56 -36.26 5.27 9.73
C PHE D 56 -36.79 4.81 8.37
N THR D 57 -36.35 5.50 7.33
CA THR D 57 -36.66 5.12 5.96
C THR D 57 -35.47 4.39 5.38
N PRO D 58 -35.66 3.15 4.92
CA PRO D 58 -34.50 2.42 4.40
C PRO D 58 -34.20 2.74 2.94
N VAL D 59 -32.92 2.72 2.56
CA VAL D 59 -32.56 2.83 1.15
C VAL D 59 -31.48 1.79 0.83
N LYS D 60 -31.60 1.23 -0.36
CA LYS D 60 -30.63 0.25 -0.84
C LYS D 60 -29.86 0.85 -2.00
N ILE D 61 -28.56 0.99 -1.82
CA ILE D 61 -27.67 1.45 -2.87
C ILE D 61 -26.94 0.27 -3.47
N SER D 62 -27.39 -0.17 -4.64
CA SER D 62 -26.79 -1.34 -5.29
C SER D 62 -25.91 -0.90 -6.45
N LEU D 63 -24.61 -1.07 -6.28
CA LEU D 63 -23.65 -0.60 -7.27
C LEU D 63 -23.41 -1.65 -8.35
N ASP D 64 -23.09 -1.17 -9.55
CA ASP D 64 -22.71 -2.04 -10.64
C ASP D 64 -21.24 -2.40 -10.50
N PHE D 65 -20.93 -3.18 -9.47
CA PHE D 65 -19.56 -3.60 -9.20
C PHE D 65 -19.08 -4.60 -10.24
N PRO D 66 -17.84 -4.45 -10.75
CA PRO D 66 -16.82 -3.46 -10.38
C PRO D 66 -16.73 -2.23 -11.29
N SER D 67 -17.57 -2.12 -12.31
CA SER D 67 -17.50 -0.97 -13.21
C SER D 67 -17.82 0.33 -12.50
N GLU D 68 -18.69 0.25 -11.50
CA GLU D 68 -19.13 1.41 -10.72
C GLU D 68 -18.52 1.37 -9.34
N TYR D 69 -17.94 2.48 -8.91
CA TYR D 69 -17.33 2.57 -7.58
C TYR D 69 -17.44 4.00 -7.03
N ILE D 70 -17.42 4.12 -5.72
CA ILE D 70 -17.55 5.41 -5.07
C ILE D 70 -16.33 6.30 -5.30
N ILE D 71 -16.57 7.55 -5.68
CA ILE D 71 -15.49 8.52 -5.89
C ILE D 71 -15.56 9.70 -4.93
N GLU D 72 -16.67 9.83 -4.19
CA GLU D 72 -16.78 10.86 -3.17
C GLU D 72 -17.84 10.49 -2.15
N VAL D 73 -17.51 10.68 -0.88
CA VAL D 73 -18.50 10.56 0.18
C VAL D 73 -18.63 11.92 0.85
N SER D 74 -19.85 12.39 1.05
CA SER D 74 -20.05 13.69 1.65
C SER D 74 -21.23 13.63 2.62
N GLY D 75 -21.31 14.63 3.49
CA GLY D 75 -22.41 14.65 4.43
C GLY D 75 -22.37 15.83 5.36
N HIS D 76 -23.11 15.70 6.46
CA HIS D 76 -23.22 16.74 7.46
C HIS D 76 -23.14 16.11 8.83
N THR D 77 -22.53 16.82 9.78
CA THR D 77 -22.63 16.41 11.17
C THR D 77 -23.18 17.56 11.99
N GLY D 78 -23.78 17.23 13.12
CA GLY D 78 -24.41 18.25 13.95
C GLY D 78 -25.15 17.60 15.08
N LYS D 79 -25.74 18.43 15.94
CA LYS D 79 -26.37 17.89 17.15
C LYS D 79 -27.83 17.52 16.95
N VAL D 80 -28.17 16.32 17.42
CA VAL D 80 -29.54 15.89 17.53
C VAL D 80 -29.76 15.42 18.97
N SER D 81 -30.71 16.06 19.66
CA SER D 81 -30.99 15.75 21.06
C SER D 81 -29.73 15.82 21.91
N GLY D 82 -28.85 16.76 21.58
CA GLY D 82 -27.65 17.00 22.35
C GLY D 82 -26.43 16.19 21.95
N TYR D 83 -26.62 15.25 21.02
CA TYR D 83 -25.54 14.38 20.59
C TYR D 83 -25.02 14.80 19.22
N VAL D 84 -23.70 14.92 19.07
CA VAL D 84 -23.13 15.11 17.75
C VAL D 84 -23.26 13.81 16.95
N VAL D 85 -23.92 13.86 15.80
CA VAL D 85 -24.14 12.67 14.99
C VAL D 85 -23.96 12.98 13.50
N VAL D 86 -23.97 11.93 12.69
CA VAL D 86 -23.92 12.08 11.24
C VAL D 86 -25.34 12.28 10.74
N ARG D 87 -25.64 13.50 10.28
CA ARG D 87 -27.04 13.84 9.96
C ARG D 87 -27.42 13.52 8.51
N SER D 88 -26.44 13.57 7.60
CA SER D 88 -26.68 13.21 6.21
C SER D 88 -25.48 12.49 5.61
N LEU D 89 -25.75 11.62 4.64
CA LEU D 89 -24.71 11.02 3.81
C LEU D 89 -25.08 11.08 2.33
N ALA D 90 -24.09 11.28 1.49
CA ALA D 90 -24.28 11.15 0.04
C ALA D 90 -23.09 10.40 -0.55
N PHE D 91 -23.39 9.49 -1.48
CA PHE D 91 -22.36 8.68 -2.13
C PHE D 91 -22.34 8.97 -3.62
N LYS D 92 -21.26 9.58 -4.09
CA LYS D 92 -21.09 9.84 -5.51
C LYS D 92 -20.22 8.76 -6.13
N THR D 93 -20.69 8.14 -7.20
CA THR D 93 -19.87 7.16 -7.91
C THR D 93 -19.47 7.75 -9.25
N ASN D 94 -18.73 6.97 -10.04
CA ASN D 94 -18.34 7.40 -11.37
C ASN D 94 -19.52 7.36 -12.34
N LYS D 95 -20.68 6.91 -11.85
CA LYS D 95 -21.87 6.75 -12.68
C LYS D 95 -22.98 7.73 -12.29
N LYS D 96 -23.20 7.95 -11.00
CA LYS D 96 -24.29 8.79 -10.54
C LYS D 96 -24.13 9.16 -9.07
N THR D 97 -25.06 9.93 -8.55
CA THR D 97 -25.07 10.30 -7.14
C THR D 97 -26.23 9.66 -6.39
N TYR D 98 -25.92 9.10 -5.23
CA TYR D 98 -26.92 8.49 -4.37
C TYR D 98 -27.08 9.36 -3.14
N GLY D 99 -28.24 9.99 -2.99
CA GLY D 99 -28.45 10.87 -1.86
C GLY D 99 -28.58 12.32 -2.29
N PRO D 100 -28.52 13.25 -1.33
CA PRO D 100 -28.23 13.00 0.10
C PRO D 100 -29.38 12.33 0.83
N TYR D 101 -29.03 11.55 1.84
CA TYR D 101 -30.01 10.92 2.71
C TYR D 101 -29.92 11.55 4.08
N GLY D 102 -31.05 11.92 4.64
CA GLY D 102 -31.06 12.46 5.98
C GLY D 102 -31.30 13.96 5.99
N VAL D 103 -30.62 14.65 6.90
CA VAL D 103 -30.79 16.09 7.08
C VAL D 103 -29.51 16.83 6.72
N THR D 104 -29.59 17.72 5.72
CA THR D 104 -28.40 18.40 5.25
C THR D 104 -28.20 19.70 6.00
N SER D 105 -28.10 19.57 7.32
CA SER D 105 -27.87 20.72 8.19
C SER D 105 -26.71 20.40 9.12
N GLY D 106 -26.00 21.44 9.54
CA GLY D 106 -24.84 21.27 10.38
C GLY D 106 -23.57 21.58 9.61
N THR D 107 -22.48 20.98 10.05
CA THR D 107 -21.19 21.19 9.40
C THR D 107 -21.03 20.21 8.26
N PRO D 108 -20.82 20.71 7.03
CA PRO D 108 -20.55 19.76 5.95
C PRO D 108 -19.18 19.09 6.07
N PHE D 109 -19.05 17.88 5.52
CA PHE D 109 -17.75 17.29 5.26
C PHE D 109 -17.79 16.62 3.88
N ASN D 110 -16.63 16.42 3.27
CA ASN D 110 -16.59 15.69 2.01
C ASN D 110 -15.21 15.09 1.76
N LEU D 111 -15.22 13.87 1.24
CA LEU D 111 -14.01 13.14 0.94
C LEU D 111 -14.05 12.66 -0.50
N PRO D 112 -13.48 13.46 -1.41
CA PRO D 112 -13.31 13.01 -2.80
C PRO D 112 -12.09 12.12 -2.88
N ILE D 113 -12.19 11.06 -3.67
CA ILE D 113 -11.07 10.15 -3.88
C ILE D 113 -10.58 10.36 -5.30
N GLU D 114 -9.35 10.86 -5.43
CA GLU D 114 -8.78 11.07 -6.75
C GLU D 114 -8.12 9.79 -7.27
N ASN D 115 -7.49 9.04 -6.38
CA ASN D 115 -6.90 7.75 -6.74
C ASN D 115 -7.05 6.80 -5.58
N GLY D 116 -7.70 5.67 -5.80
CA GLY D 116 -7.89 4.71 -4.73
C GLY D 116 -9.34 4.30 -4.55
N LEU D 117 -9.59 3.48 -3.52
CA LEU D 117 -10.92 2.94 -3.27
C LEU D 117 -11.24 2.91 -1.80
N ILE D 118 -12.52 3.15 -1.49
CA ILE D 118 -13.05 2.85 -0.16
C ILE D 118 -13.33 1.35 -0.05
N VAL D 119 -12.76 0.70 0.96
CA VAL D 119 -12.91 -0.75 1.07
C VAL D 119 -13.37 -1.18 2.46
N GLY D 120 -13.89 -0.25 3.24
CA GLY D 120 -14.32 -0.60 4.59
C GLY D 120 -14.83 0.58 5.39
N PHE D 121 -15.73 0.28 6.32
CA PHE D 121 -16.27 1.29 7.22
C PHE D 121 -16.15 0.86 8.66
N LYS D 122 -15.97 1.83 9.53
CA LYS D 122 -16.09 1.62 10.95
C LYS D 122 -16.83 2.83 11.52
N GLY D 123 -17.33 2.71 12.74
CA GLY D 123 -18.07 3.82 13.33
C GLY D 123 -18.78 3.41 14.60
N SER D 124 -19.90 4.09 14.86
CA SER D 124 -20.71 3.81 16.04
C SER D 124 -22.12 4.28 15.78
N ILE D 125 -23.10 3.52 16.29
CA ILE D 125 -24.50 3.89 16.16
C ILE D 125 -25.20 3.73 17.51
N GLY D 126 -25.89 4.78 17.93
CA GLY D 126 -26.78 4.70 19.09
C GLY D 126 -28.20 4.88 18.58
N TYR D 127 -28.85 5.98 18.96
CA TYR D 127 -30.08 6.38 18.31
C TYR D 127 -29.80 6.62 16.83
N TRP D 128 -28.64 7.25 16.58
CA TRP D 128 -28.21 7.60 15.23
C TRP D 128 -26.75 7.24 15.03
N LEU D 129 -26.30 7.31 13.78
CA LEU D 129 -24.87 7.13 13.48
C LEU D 129 -24.05 8.24 14.17
N ASP D 130 -23.24 7.87 15.16
CA ASP D 130 -22.49 8.83 15.95
C ASP D 130 -21.31 9.39 15.15
N TYR D 131 -20.57 8.49 14.53
CA TYR D 131 -19.42 8.85 13.72
C TYR D 131 -19.07 7.72 12.76
N PHE D 132 -18.23 8.01 11.78
CA PHE D 132 -17.70 6.93 10.95
C PHE D 132 -16.35 7.28 10.35
N SER D 133 -15.65 6.24 9.95
CA SER D 133 -14.35 6.37 9.31
C SER D 133 -14.33 5.41 8.13
N MET D 134 -13.42 5.64 7.21
CA MET D 134 -13.32 4.81 6.01
C MET D 134 -11.92 4.26 5.77
N TYR D 135 -11.87 2.98 5.40
CA TYR D 135 -10.64 2.34 4.98
C TYR D 135 -10.38 2.65 3.50
N LEU D 136 -9.17 3.12 3.18
CA LEU D 136 -8.82 3.43 1.79
C LEU D 136 -7.65 2.58 1.32
N SER D 137 -7.67 2.17 0.06
CA SER D 137 -6.54 1.45 -0.48
C SER D 137 -6.42 1.66 -1.98
N LEU D 138 -5.32 1.19 -2.55
CA LEU D 138 -5.15 1.13 -4.01
C LEU D 138 -5.83 -0.08 -4.62
N GLN E 3 -9.50 3.71 -13.29
CA GLN E 3 -9.15 2.54 -12.47
C GLN E 3 -10.30 1.55 -12.38
N SER E 4 -10.13 0.52 -11.54
CA SER E 4 -11.17 -0.48 -11.36
C SER E 4 -11.77 -0.36 -9.98
N GLY E 5 -12.90 -1.03 -9.76
CA GLY E 5 -13.57 -1.03 -8.47
C GLY E 5 -13.00 -2.08 -7.54
N LYS E 6 -11.92 -2.75 -7.98
CA LYS E 6 -11.30 -3.80 -7.18
C LYS E 6 -9.93 -3.42 -6.68
N SER E 7 -9.69 -3.66 -5.39
CA SER E 7 -8.40 -3.34 -4.81
C SER E 7 -7.31 -4.25 -5.34
N GLN E 8 -6.07 -3.80 -5.24
CA GLN E 8 -4.98 -4.67 -5.67
C GLN E 8 -3.88 -4.74 -4.64
N THR E 9 -3.06 -5.77 -4.73
CA THR E 9 -1.95 -5.93 -3.81
C THR E 9 -0.75 -6.45 -4.57
N VAL E 10 0.42 -6.26 -3.99
CA VAL E 10 1.64 -6.83 -4.54
C VAL E 10 1.52 -8.35 -4.60
N ILE E 11 1.95 -8.93 -5.72
CA ILE E 11 2.00 -10.37 -5.83
C ILE E 11 3.40 -10.77 -6.29
N VAL E 12 4.06 -11.67 -5.55
CA VAL E 12 5.36 -12.19 -5.97
C VAL E 12 5.22 -13.67 -6.37
N GLY E 13 6.07 -14.10 -7.29
CA GLY E 13 5.90 -15.40 -7.94
C GLY E 13 5.56 -15.21 -9.40
N PRO E 14 5.22 -16.31 -10.10
CA PRO E 14 5.12 -17.67 -9.55
C PRO E 14 6.46 -18.39 -9.46
N TRP E 15 6.56 -19.29 -8.50
CA TRP E 15 7.62 -20.30 -8.49
C TRP E 15 7.05 -21.64 -8.91
N GLY E 16 7.74 -22.32 -9.81
CA GLY E 16 7.25 -23.56 -10.37
C GLY E 16 7.15 -23.50 -11.87
N ALA E 17 6.20 -24.24 -12.43
CA ALA E 17 6.01 -24.28 -13.86
C ALA E 17 5.67 -22.88 -14.35
N GLN E 18 6.31 -22.48 -15.45
CA GLN E 18 6.11 -21.16 -16.02
C GLN E 18 5.25 -21.29 -17.26
N VAL E 19 3.93 -21.22 -17.09
CA VAL E 19 3.01 -21.33 -18.21
C VAL E 19 2.82 -19.98 -18.90
N GLY F 6 -2.58 -28.25 -14.82
CA GLY F 6 -3.24 -28.33 -13.52
C GLY F 6 -4.47 -27.43 -13.44
N LYS F 7 -5.21 -27.53 -12.35
CA LYS F 7 -6.34 -26.63 -12.14
C LYS F 7 -5.88 -25.40 -11.36
N ALA F 8 -6.01 -24.24 -11.99
CA ALA F 8 -5.59 -22.98 -11.37
C ALA F 8 -6.49 -22.62 -10.20
N PHE F 9 -5.89 -21.98 -9.20
CA PHE F 9 -6.65 -21.46 -8.08
C PHE F 9 -6.13 -20.08 -7.69
N ASP F 10 -6.97 -19.30 -7.02
CA ASP F 10 -6.56 -17.97 -6.59
C ASP F 10 -7.41 -17.55 -5.40
N ASP F 11 -6.84 -17.64 -4.20
CA ASP F 11 -7.64 -17.31 -3.02
C ASP F 11 -7.92 -15.82 -2.88
N GLY F 12 -7.06 -14.99 -3.47
CA GLY F 12 -7.13 -13.55 -3.24
C GLY F 12 -6.40 -13.12 -1.98
N ALA F 13 -6.70 -11.91 -1.51
CA ALA F 13 -6.00 -11.30 -0.39
C ALA F 13 -6.89 -11.13 0.84
N PHE F 14 -6.27 -11.23 2.01
CA PHE F 14 -6.97 -11.20 3.29
C PHE F 14 -6.18 -10.35 4.26
N THR F 15 -6.42 -10.48 5.56
CA THR F 15 -5.68 -9.63 6.49
C THR F 15 -4.62 -10.38 7.28
N GLY F 16 -4.50 -11.69 7.05
CA GLY F 16 -3.49 -12.49 7.72
C GLY F 16 -3.68 -13.97 7.47
N ILE F 17 -2.83 -14.78 8.10
CA ILE F 17 -2.89 -16.25 7.98
C ILE F 17 -3.04 -16.90 9.35
N ARG F 18 -4.03 -17.77 9.49
CA ARG F 18 -4.20 -18.52 10.74
C ARG F 18 -3.70 -19.96 10.68
N GLU F 19 -3.94 -20.64 9.57
CA GLU F 19 -3.62 -22.07 9.48
C GLU F 19 -3.35 -22.43 8.04
N ILE F 20 -2.35 -23.29 7.81
CA ILE F 20 -2.12 -23.84 6.49
C ILE F 20 -2.25 -25.35 6.57
N ASN F 21 -3.08 -25.92 5.68
CA ASN F 21 -3.22 -27.36 5.57
C ASN F 21 -2.72 -27.83 4.22
N LEU F 22 -1.61 -28.57 4.21
CA LEU F 22 -1.09 -29.04 2.93
C LEU F 22 -0.79 -30.50 3.02
N SER F 23 -0.55 -31.14 1.89
CA SER F 23 -0.12 -32.52 1.92
C SER F 23 1.08 -32.68 1.00
N TYR F 24 1.88 -33.72 1.25
CA TYR F 24 3.10 -33.92 0.51
C TYR F 24 3.43 -35.39 0.38
N ASN F 25 4.30 -35.70 -0.55
CA ASN F 25 4.81 -37.05 -0.72
C ASN F 25 6.34 -36.99 -0.77
N LYS F 26 7.00 -37.81 0.05
CA LYS F 26 8.46 -37.71 0.19
C LYS F 26 9.21 -38.26 -1.02
N GLU F 27 8.48 -38.79 -1.99
CA GLU F 27 9.08 -39.28 -3.21
C GLU F 27 8.78 -38.38 -4.41
N THR F 28 7.76 -37.54 -4.30
CA THR F 28 7.35 -36.74 -5.45
C THR F 28 7.37 -35.23 -5.18
N ALA F 29 6.27 -34.67 -4.65
CA ALA F 29 6.15 -33.24 -4.52
C ALA F 29 5.00 -32.84 -3.58
N ILE F 30 4.71 -31.54 -3.55
CA ILE F 30 3.55 -31.02 -2.82
C ILE F 30 2.25 -31.44 -3.53
N GLY F 31 1.24 -31.83 -2.75
CA GLY F 31 -0.05 -32.21 -3.27
C GLY F 31 -1.09 -31.15 -2.98
N ASP F 32 -1.89 -31.38 -1.94
CA ASP F 32 -3.02 -30.52 -1.60
C ASP F 32 -2.57 -29.25 -0.88
N PHE F 33 -3.36 -28.18 -1.00
CA PHE F 33 -3.03 -26.92 -0.35
C PHE F 33 -4.32 -26.18 0.03
N GLN F 34 -4.42 -25.79 1.30
CA GLN F 34 -5.60 -25.06 1.78
C GLN F 34 -5.19 -24.12 2.89
N VAL F 35 -5.84 -22.97 2.96
CA VAL F 35 -5.50 -21.97 3.96
C VAL F 35 -6.71 -21.44 4.70
N ILE F 36 -6.61 -21.40 6.03
CA ILE F 36 -7.53 -20.59 6.83
C ILE F 36 -6.88 -19.23 7.04
N TYR F 37 -7.48 -18.20 6.44
CA TYR F 37 -6.98 -16.84 6.55
C TYR F 37 -7.55 -16.14 7.76
N ASP F 38 -6.93 -15.02 8.15
CA ASP F 38 -7.65 -14.07 8.97
C ASP F 38 -8.37 -13.08 8.06
N LEU F 39 -9.60 -12.74 8.41
CA LEU F 39 -10.32 -11.69 7.71
C LEU F 39 -10.88 -10.76 8.78
N ASN F 40 -10.17 -9.66 9.01
CA ASN F 40 -10.63 -8.64 9.93
C ASN F 40 -10.95 -9.22 11.30
N GLY F 41 -10.08 -10.10 11.78
CA GLY F 41 -10.21 -10.60 13.14
C GLY F 41 -10.95 -11.92 13.33
N SER F 42 -11.49 -12.46 12.25
CA SER F 42 -12.18 -13.76 12.29
C SER F 42 -11.61 -14.67 11.22
N PRO F 43 -11.66 -16.00 11.46
CA PRO F 43 -11.21 -16.94 10.43
C PRO F 43 -12.03 -16.84 9.14
N PHE F 44 -11.35 -16.98 8.00
CA PHE F 44 -12.02 -17.20 6.73
C PHE F 44 -11.42 -18.47 6.15
N VAL F 45 -12.26 -19.46 5.94
CA VAL F 45 -11.79 -20.76 5.49
C VAL F 45 -11.65 -20.80 3.97
N GLY F 46 -10.42 -20.89 3.49
CA GLY F 46 -10.19 -20.97 2.05
C GLY F 46 -10.64 -22.29 1.46
N GLN F 47 -10.88 -22.29 0.16
CA GLN F 47 -11.24 -23.53 -0.53
C GLN F 47 -10.10 -24.55 -0.45
N ASN F 48 -10.45 -25.82 -0.36
CA ASN F 48 -9.41 -26.84 -0.41
C ASN F 48 -9.02 -27.09 -1.86
N HIS F 49 -7.76 -26.87 -2.17
CA HIS F 49 -7.24 -27.11 -3.50
C HIS F 49 -6.59 -28.46 -3.51
N THR F 50 -7.13 -29.36 -4.31
CA THR F 50 -6.76 -30.76 -4.23
C THR F 50 -5.99 -31.28 -5.42
N SER F 51 -4.99 -32.10 -5.12
CA SER F 51 -4.34 -32.92 -6.12
C SER F 51 -5.34 -33.88 -6.76
N PHE F 52 -5.09 -34.22 -8.03
CA PHE F 52 -5.90 -35.19 -8.75
C PHE F 52 -5.73 -36.59 -8.18
N ILE F 53 -4.66 -36.81 -7.41
CA ILE F 53 -4.37 -38.13 -6.88
C ILE F 53 -4.24 -38.13 -5.36
N THR F 54 -4.12 -39.33 -4.79
CA THR F 54 -3.95 -39.49 -3.35
C THR F 54 -2.55 -40.01 -3.03
N GLY F 55 -2.36 -40.52 -1.82
CA GLY F 55 -1.08 -41.06 -1.39
C GLY F 55 -0.21 -40.04 -0.69
N PHE F 56 -0.78 -38.86 -0.42
CA PHE F 56 -0.04 -37.80 0.26
C PHE F 56 -0.18 -37.89 1.77
N THR F 57 0.76 -37.26 2.46
CA THR F 57 0.74 -37.14 3.92
C THR F 57 0.29 -35.74 4.29
N PRO F 58 -0.78 -35.63 5.09
CA PRO F 58 -1.28 -34.30 5.45
C PRO F 58 -0.48 -33.67 6.60
N VAL F 59 -0.39 -32.35 6.61
CA VAL F 59 0.19 -31.65 7.74
C VAL F 59 -0.64 -30.40 8.00
N LYS F 60 -0.86 -30.11 9.27
CA LYS F 60 -1.57 -28.91 9.68
C LYS F 60 -0.59 -27.97 10.34
N ILE F 61 -0.44 -26.79 9.76
CA ILE F 61 0.39 -25.73 10.31
C ILE F 61 -0.53 -24.70 10.98
N SER F 62 -0.68 -24.81 12.31
CA SER F 62 -1.56 -23.92 13.07
C SER F 62 -0.76 -22.80 13.71
N LEU F 63 -0.93 -21.57 13.20
CA LEU F 63 -0.14 -20.45 13.70
C LEU F 63 -0.80 -19.78 14.89
N ASP F 64 0.01 -19.27 15.82
CA ASP F 64 -0.51 -18.51 16.94
C ASP F 64 -0.79 -17.08 16.46
N PHE F 65 -1.81 -16.93 15.61
CA PHE F 65 -2.20 -15.63 15.08
C PHE F 65 -2.82 -14.77 16.17
N PRO F 66 -2.43 -13.49 16.28
CA PRO F 66 -1.54 -12.72 15.39
C PRO F 66 -0.11 -12.56 15.89
N SER F 67 0.23 -13.14 17.04
CA SER F 67 1.59 -13.03 17.55
C SER F 67 2.61 -13.69 16.62
N GLU F 68 2.19 -14.78 15.98
CA GLU F 68 3.07 -15.54 15.08
C GLU F 68 2.66 -15.34 13.63
N TYR F 69 3.65 -15.06 12.77
CA TYR F 69 3.39 -14.83 11.35
C TYR F 69 4.61 -15.29 10.55
N ILE F 70 4.36 -15.63 9.30
CA ILE F 70 5.39 -16.09 8.39
C ILE F 70 6.39 -14.98 8.05
N ILE F 71 7.68 -15.30 8.16
CA ILE F 71 8.73 -14.34 7.79
C ILE F 71 9.60 -14.82 6.63
N GLU F 72 9.48 -16.10 6.27
CA GLU F 72 10.17 -16.62 5.09
C GLU F 72 9.47 -17.86 4.55
N VAL F 73 9.34 -17.93 3.23
CA VAL F 73 8.83 -19.13 2.57
C VAL F 73 9.90 -19.63 1.61
N SER F 74 10.23 -20.92 1.67
CA SER F 74 11.25 -21.45 0.78
C SER F 74 10.84 -22.82 0.27
N GLY F 75 11.55 -23.31 -0.73
CA GLY F 75 11.25 -24.64 -1.22
C GLY F 75 12.10 -24.98 -2.42
N HIS F 76 11.60 -25.91 -3.23
CA HIS F 76 12.33 -26.42 -4.38
C HIS F 76 11.34 -26.62 -5.50
N THR F 77 11.79 -26.37 -6.73
CA THR F 77 11.01 -26.72 -7.91
C THR F 77 11.82 -27.66 -8.78
N GLY F 78 11.13 -28.55 -9.49
CA GLY F 78 11.83 -29.55 -10.28
C GLY F 78 10.86 -30.44 -11.00
N LYS F 79 11.37 -31.26 -11.91
CA LYS F 79 10.51 -32.12 -12.71
C LYS F 79 10.08 -33.39 -11.97
N VAL F 80 8.78 -33.66 -12.02
CA VAL F 80 8.26 -34.96 -11.60
C VAL F 80 7.39 -35.50 -12.72
N SER F 81 7.73 -36.69 -13.21
CA SER F 81 7.02 -37.28 -14.34
C SER F 81 6.95 -36.33 -15.53
N GLY F 82 8.01 -35.54 -15.71
CA GLY F 82 8.13 -34.66 -16.86
C GLY F 82 7.54 -33.28 -16.66
N TYR F 83 6.90 -33.06 -15.51
CA TYR F 83 6.28 -31.76 -15.22
C TYR F 83 7.10 -30.98 -14.21
N VAL F 84 7.28 -29.69 -14.47
CA VAL F 84 7.90 -28.82 -13.48
C VAL F 84 6.87 -28.54 -12.37
N VAL F 85 7.21 -28.92 -11.14
CA VAL F 85 6.28 -28.73 -10.03
C VAL F 85 7.01 -28.19 -8.79
N VAL F 86 6.21 -27.83 -7.78
CA VAL F 86 6.75 -27.38 -6.51
C VAL F 86 7.00 -28.62 -5.65
N ARG F 87 8.28 -28.95 -5.45
CA ARG F 87 8.64 -30.22 -4.86
C ARG F 87 8.70 -30.18 -3.33
N SER F 88 9.05 -29.02 -2.78
CA SER F 88 9.07 -28.86 -1.33
C SER F 88 8.65 -27.44 -0.94
N LEU F 89 8.14 -27.33 0.28
CA LEU F 89 7.82 -26.04 0.89
C LEU F 89 8.26 -26.05 2.33
N ALA F 90 8.73 -24.90 2.81
CA ALA F 90 9.03 -24.72 4.22
C ALA F 90 8.58 -23.32 4.60
N PHE F 91 7.96 -23.20 5.78
CA PHE F 91 7.41 -21.93 6.23
C PHE F 91 8.09 -21.56 7.53
N LYS F 92 8.86 -20.48 7.52
CA LYS F 92 9.52 -20.02 8.74
C LYS F 92 8.72 -18.88 9.33
N THR F 93 8.38 -18.96 10.61
CA THR F 93 7.71 -17.84 11.26
C THR F 93 8.67 -17.16 12.23
N ASN F 94 8.20 -16.11 12.90
CA ASN F 94 9.00 -15.46 13.93
C ASN F 94 9.19 -16.31 15.19
N LYS F 95 8.60 -17.50 15.20
CA LYS F 95 8.66 -18.40 16.35
C LYS F 95 9.32 -19.73 16.07
N LYS F 96 9.13 -20.27 14.86
CA LYS F 96 9.42 -21.67 14.58
C LYS F 96 9.58 -21.89 13.07
N THR F 97 10.19 -23.01 12.68
CA THR F 97 10.15 -23.41 11.27
C THR F 97 9.24 -24.62 11.07
N TYR F 98 8.41 -24.55 10.03
CA TYR F 98 7.53 -25.67 9.68
C TYR F 98 8.01 -26.25 8.35
N GLY F 99 8.45 -27.50 8.39
CA GLY F 99 8.94 -28.17 7.20
C GLY F 99 10.45 -28.37 7.28
N PRO F 100 11.09 -28.68 6.15
CA PRO F 100 10.51 -28.78 4.80
C PRO F 100 9.56 -29.95 4.64
N TYR F 101 8.58 -29.79 3.75
CA TYR F 101 7.66 -30.85 3.40
C TYR F 101 7.84 -31.20 1.94
N GLY F 102 7.90 -32.48 1.62
CA GLY F 102 8.06 -32.90 0.24
C GLY F 102 9.47 -33.39 -0.05
N VAL F 103 9.98 -32.99 -1.22
CA VAL F 103 11.28 -33.44 -1.67
C VAL F 103 12.19 -32.24 -1.88
N THR F 104 13.30 -32.20 -1.14
CA THR F 104 14.17 -31.03 -1.21
C THR F 104 15.24 -31.26 -2.25
N SER F 105 14.80 -31.50 -3.47
CA SER F 105 15.74 -31.60 -4.58
C SER F 105 15.20 -30.77 -5.74
N GLY F 106 16.10 -30.31 -6.60
CA GLY F 106 15.73 -29.40 -7.66
C GLY F 106 16.35 -28.03 -7.46
N THR F 107 15.68 -27.01 -8.00
CA THR F 107 16.15 -25.64 -7.89
C THR F 107 15.54 -25.02 -6.63
N PRO F 108 16.39 -24.58 -5.70
CA PRO F 108 15.80 -23.91 -4.52
C PRO F 108 15.25 -22.53 -4.86
N PHE F 109 14.26 -22.09 -4.10
CA PHE F 109 13.86 -20.69 -4.09
C PHE F 109 13.63 -20.28 -2.63
N ASN F 110 13.66 -18.98 -2.37
CA ASN F 110 13.30 -18.52 -1.02
C ASN F 110 12.91 -17.06 -1.03
N LEU F 111 11.86 -16.76 -0.26
CA LEU F 111 11.34 -15.42 -0.13
C LEU F 111 11.36 -14.99 1.33
N PRO F 112 12.45 -14.33 1.77
CA PRO F 112 12.38 -13.74 3.10
C PRO F 112 11.63 -12.41 3.05
N ILE F 113 10.83 -12.14 4.08
CA ILE F 113 10.12 -10.88 4.17
C ILE F 113 10.74 -10.04 5.28
N GLU F 114 11.31 -8.91 4.92
CA GLU F 114 11.94 -8.03 5.90
C GLU F 114 10.89 -7.10 6.52
N ASN F 115 9.95 -6.65 5.69
CA ASN F 115 8.84 -5.82 6.15
C ASN F 115 7.57 -6.14 5.37
N GLY F 116 6.52 -6.54 6.06
CA GLY F 116 5.29 -6.91 5.39
C GLY F 116 4.78 -8.27 5.81
N LEU F 117 3.70 -8.70 5.16
CA LEU F 117 3.01 -9.92 5.49
C LEU F 117 2.52 -10.63 4.25
N ILE F 118 2.53 -11.95 4.29
CA ILE F 118 1.83 -12.74 3.28
C ILE F 118 0.35 -12.80 3.63
N VAL F 119 -0.52 -12.47 2.68
CA VAL F 119 -1.95 -12.42 2.98
C VAL F 119 -2.81 -13.14 1.94
N GLY F 120 -2.18 -13.95 1.09
CA GLY F 120 -2.94 -14.70 0.11
C GLY F 120 -2.06 -15.58 -0.74
N PHE F 121 -2.65 -16.65 -1.28
CA PHE F 121 -1.97 -17.58 -2.16
C PHE F 121 -2.77 -17.81 -3.43
N LYS F 122 -2.06 -18.01 -4.53
CA LYS F 122 -2.67 -18.47 -5.77
C LYS F 122 -1.71 -19.46 -6.42
N GLY F 123 -2.19 -20.21 -7.39
CA GLY F 123 -1.34 -21.23 -7.98
C GLY F 123 -2.12 -22.18 -8.86
N SER F 124 -1.67 -23.42 -8.93
CA SER F 124 -2.31 -24.43 -9.76
C SER F 124 -1.91 -25.80 -9.24
N ILE F 125 -2.84 -26.75 -9.25
CA ILE F 125 -2.53 -28.10 -8.79
C ILE F 125 -3.11 -29.11 -9.77
N GLY F 126 -2.25 -30.02 -10.26
CA GLY F 126 -2.66 -31.16 -11.05
C GLY F 126 -2.43 -32.41 -10.21
N TYR F 127 -1.58 -33.31 -10.69
CA TYR F 127 -1.05 -34.35 -9.83
C TYR F 127 -0.36 -33.73 -8.63
N TRP F 128 0.35 -32.63 -8.87
CA TRP F 128 1.10 -31.93 -7.82
C TRP F 128 0.92 -30.42 -7.95
N LEU F 129 1.35 -29.69 -6.94
CA LEU F 129 1.33 -28.23 -7.02
C LEU F 129 2.24 -27.78 -8.16
N ASP F 130 1.64 -27.20 -9.21
CA ASP F 130 2.38 -26.83 -10.41
C ASP F 130 3.22 -25.60 -10.18
N TYR F 131 2.59 -24.59 -9.57
CA TYR F 131 3.25 -23.35 -9.21
C TYR F 131 2.46 -22.63 -8.16
N PHE F 132 3.05 -21.60 -7.56
CA PHE F 132 2.28 -20.75 -6.65
C PHE F 132 2.87 -19.37 -6.58
N SER F 133 2.01 -18.41 -6.21
CA SER F 133 2.41 -17.03 -5.98
C SER F 133 1.83 -16.59 -4.64
N MET F 134 2.36 -15.50 -4.11
CA MET F 134 1.94 -14.98 -2.82
C MET F 134 1.59 -13.49 -2.88
N TYR F 135 0.48 -13.15 -2.24
CA TYR F 135 0.07 -11.77 -2.04
C TYR F 135 0.80 -11.17 -0.84
N LEU F 136 1.42 -10.00 -1.01
CA LEU F 136 2.14 -9.30 0.06
C LEU F 136 1.54 -7.94 0.35
N SER F 137 1.50 -7.57 1.63
CA SER F 137 1.04 -6.25 2.00
C SER F 137 1.68 -5.77 3.30
N LEU F 138 1.42 -4.53 3.68
CA LEU F 138 1.83 -4.02 5.00
C LEU F 138 0.75 -4.20 6.07
N GLN G 3 2.67 5.80 13.04
CA GLN G 3 3.09 6.51 14.23
C GLN G 3 4.58 6.87 14.17
N SER G 4 5.30 6.38 13.17
CA SER G 4 6.72 6.69 13.04
C SER G 4 6.94 8.03 12.37
N GLY G 5 5.95 8.50 11.60
CA GLY G 5 6.07 9.77 10.90
C GLY G 5 6.70 9.60 9.53
N LYS G 6 7.13 8.37 9.24
CA LYS G 6 7.82 8.06 8.00
C LYS G 6 7.07 7.00 7.23
N SER G 7 6.99 7.16 5.91
CA SER G 7 6.29 6.22 5.04
C SER G 7 6.95 4.84 5.10
N GLN G 8 6.16 3.80 4.96
CA GLN G 8 6.78 2.49 4.86
C GLN G 8 6.33 1.71 3.64
N THR G 9 7.10 0.68 3.34
CA THR G 9 7.04 -0.05 2.11
C THR G 9 7.30 -1.53 2.42
N VAL G 10 6.71 -2.42 1.64
CA VAL G 10 7.10 -3.83 1.72
C VAL G 10 8.58 -3.96 1.39
N ILE G 11 9.30 -4.77 2.17
CA ILE G 11 10.69 -5.08 1.84
C ILE G 11 10.90 -6.58 1.82
N VAL G 12 11.43 -7.11 0.71
CA VAL G 12 11.77 -8.53 0.62
C VAL G 12 13.29 -8.72 0.58
N GLY G 13 13.74 -9.84 1.14
CA GLY G 13 15.17 -10.06 1.39
C GLY G 13 15.43 -10.16 2.89
N PRO G 14 16.70 -10.24 3.29
CA PRO G 14 17.88 -10.16 2.43
C PRO G 14 18.27 -11.50 1.81
N TRP G 15 18.89 -11.42 0.64
CA TRP G 15 19.58 -12.55 0.05
C TRP G 15 21.07 -12.33 0.21
N GLY G 16 21.79 -13.35 0.67
CA GLY G 16 23.21 -13.20 0.95
C GLY G 16 23.48 -13.53 2.41
N ALA G 17 24.51 -12.93 2.98
CA ALA G 17 24.82 -13.14 4.40
C ALA G 17 23.66 -12.73 5.30
N GLN G 18 23.45 -13.48 6.38
CA GLN G 18 22.32 -13.20 7.28
C GLN G 18 22.80 -12.65 8.62
N VAL G 19 22.98 -11.34 8.70
CA VAL G 19 23.50 -10.70 9.92
C VAL G 19 22.51 -10.81 11.08
N GLY H 6 30.76 -5.88 6.18
CA GLY H 6 30.86 -4.84 5.16
C GLY H 6 30.12 -3.58 5.60
N LYS H 7 30.12 -2.57 4.73
CA LYS H 7 29.44 -1.30 5.01
C LYS H 7 27.99 -1.35 4.56
N ALA H 8 27.06 -1.20 5.51
CA ALA H 8 25.64 -1.26 5.16
C ALA H 8 25.24 -0.05 4.33
N PHE H 9 24.27 -0.24 3.45
CA PHE H 9 23.65 0.87 2.73
C PHE H 9 22.15 0.69 2.65
N ASP H 10 21.45 1.80 2.45
CA ASP H 10 20.00 1.77 2.35
C ASP H 10 19.57 2.99 1.57
N ASP H 11 19.22 2.79 0.30
CA ASP H 11 18.81 3.90 -0.56
C ASP H 11 17.43 4.42 -0.19
N GLY H 12 16.61 3.58 0.43
CA GLY H 12 15.21 3.93 0.66
C GLY H 12 14.32 3.70 -0.56
N ALA H 13 13.13 4.29 -0.57
CA ALA H 13 12.17 4.01 -1.62
C ALA H 13 11.89 5.23 -2.51
N PHE H 14 11.53 4.95 -3.75
CA PHE H 14 11.39 5.97 -4.80
C PHE H 14 10.18 5.63 -5.67
N THR H 15 10.08 6.26 -6.85
CA THR H 15 8.96 6.07 -7.76
C THR H 15 9.20 4.95 -8.77
N GLY H 16 10.47 4.66 -9.04
CA GLY H 16 10.83 3.66 -10.02
C GLY H 16 12.33 3.60 -10.21
N ILE H 17 12.77 2.85 -11.22
CA ILE H 17 14.20 2.70 -11.49
C ILE H 17 14.54 3.11 -12.94
N ARG H 18 15.57 3.95 -13.08
CA ARG H 18 16.03 4.38 -14.39
C ARG H 18 17.30 3.66 -14.84
N GLU H 19 18.21 3.39 -13.91
CA GLU H 19 19.50 2.83 -14.30
C GLU H 19 20.17 2.10 -13.14
N ILE H 20 20.84 0.99 -13.43
CA ILE H 20 21.61 0.30 -12.40
C ILE H 20 23.05 0.20 -12.88
N ASN H 21 23.98 0.65 -12.04
CA ASN H 21 25.40 0.57 -12.36
C ASN H 21 26.09 -0.31 -11.33
N LEU H 22 26.51 -1.49 -11.74
CA LEU H 22 27.13 -2.42 -10.80
C LEU H 22 28.46 -2.91 -11.35
N SER H 23 29.26 -3.55 -10.52
CA SER H 23 30.47 -4.17 -11.06
C SER H 23 30.56 -5.59 -10.54
N TYR H 24 31.31 -6.42 -11.25
CA TYR H 24 31.41 -7.83 -10.90
C TYR H 24 32.79 -8.37 -11.22
N ASN H 25 33.12 -9.52 -10.63
CA ASN H 25 34.35 -10.24 -10.97
C ASN H 25 33.98 -11.69 -11.23
N LYS H 26 34.41 -12.22 -12.37
CA LYS H 26 34.01 -13.56 -12.80
C LYS H 26 34.64 -14.67 -11.97
N GLU H 27 35.48 -14.33 -11.00
CA GLU H 27 36.01 -15.37 -10.12
C GLU H 27 35.55 -15.24 -8.69
N THR H 28 35.00 -14.10 -8.32
CA THR H 28 34.56 -13.91 -6.95
C THR H 28 33.06 -13.61 -6.87
N ALA H 29 32.69 -12.33 -6.95
CA ALA H 29 31.30 -11.95 -6.69
C ALA H 29 31.00 -10.54 -7.18
N ILE H 30 29.77 -10.09 -6.91
CA ILE H 30 29.39 -8.71 -7.17
C ILE H 30 30.20 -7.75 -6.30
N GLY H 31 30.64 -6.63 -6.89
CA GLY H 31 31.34 -5.59 -6.17
C GLY H 31 30.48 -4.35 -5.94
N ASP H 32 30.64 -3.35 -6.82
CA ASP H 32 30.01 -2.05 -6.67
C ASP H 32 28.54 -2.10 -7.02
N PHE H 33 27.75 -1.21 -6.42
CA PHE H 33 26.32 -1.14 -6.74
C PHE H 33 25.79 0.28 -6.59
N GLN H 34 25.19 0.81 -7.64
CA GLN H 34 24.64 2.16 -7.59
C GLN H 34 23.39 2.19 -8.46
N VAL H 35 22.41 3.00 -8.05
CA VAL H 35 21.15 3.08 -8.79
C VAL H 35 20.74 4.52 -9.06
N ILE H 36 20.32 4.79 -10.29
CA ILE H 36 19.61 6.03 -10.60
C ILE H 36 18.12 5.73 -10.55
N TYR H 37 17.45 6.29 -9.56
CA TYR H 37 16.02 6.04 -9.38
C TYR H 37 15.20 7.03 -10.16
N ASP H 38 13.91 6.74 -10.33
CA ASP H 38 13.01 7.81 -10.67
C ASP H 38 12.40 8.38 -9.41
N LEU H 39 12.27 9.70 -9.35
CA LEU H 39 11.56 10.34 -8.25
C LEU H 39 10.53 11.29 -8.84
N ASN H 40 9.28 10.84 -8.90
CA ASN H 40 8.18 11.66 -9.44
C ASN H 40 8.50 12.28 -10.80
N GLY H 41 9.12 11.49 -11.66
CA GLY H 41 9.35 11.91 -13.04
C GLY H 41 10.72 12.48 -13.35
N SER H 42 11.58 12.60 -12.35
CA SER H 42 12.94 13.10 -12.56
C SER H 42 13.95 12.12 -11.98
N PRO H 43 15.14 12.05 -12.58
CA PRO H 43 16.14 11.12 -12.03
C PRO H 43 16.57 11.54 -10.64
N PHE H 44 16.81 10.55 -9.79
CA PHE H 44 17.45 10.79 -8.51
C PHE H 44 18.64 9.86 -8.42
N VAL H 45 19.83 10.45 -8.36
CA VAL H 45 21.05 9.67 -8.32
C VAL H 45 21.35 9.11 -6.95
N GLY H 46 21.26 7.79 -6.80
CA GLY H 46 21.56 7.14 -5.55
C GLY H 46 23.06 7.18 -5.27
N GLN H 47 23.43 7.06 -4.01
CA GLN H 47 24.84 7.01 -3.64
C GLN H 47 25.55 5.83 -4.29
N ASN H 48 26.80 6.04 -4.67
CA ASN H 48 27.62 4.97 -5.17
C ASN H 48 28.09 4.11 -4.00
N HIS H 49 27.69 2.85 -3.98
CA HIS H 49 28.12 1.95 -2.94
C HIS H 49 29.27 1.12 -3.48
N THR H 50 30.46 1.33 -2.94
CA THR H 50 31.66 0.78 -3.56
C THR H 50 32.34 -0.32 -2.76
N SER H 51 32.87 -1.30 -3.48
CA SER H 51 33.70 -2.33 -2.85
C SER H 51 34.91 -1.74 -2.13
N PHE H 52 35.39 -2.43 -1.11
CA PHE H 52 36.64 -2.09 -0.42
C PHE H 52 37.86 -2.30 -1.34
N ILE H 53 37.72 -3.18 -2.32
CA ILE H 53 38.82 -3.51 -3.23
C ILE H 53 38.48 -3.16 -4.68
N THR H 54 39.44 -3.34 -5.58
CA THR H 54 39.23 -3.06 -7.00
C THR H 54 39.34 -4.33 -7.84
N GLY H 55 39.47 -4.17 -9.15
CA GLY H 55 39.60 -5.30 -10.05
C GLY H 55 38.30 -5.77 -10.69
N PHE H 56 37.21 -5.04 -10.47
CA PHE H 56 35.90 -5.41 -10.99
C PHE H 56 35.65 -4.90 -12.39
N THR H 57 34.67 -5.50 -13.05
CA THR H 57 34.23 -5.09 -14.38
C THR H 57 32.90 -4.38 -14.25
N PRO H 58 32.82 -3.13 -14.72
CA PRO H 58 31.56 -2.38 -14.59
C PRO H 58 30.54 -2.73 -15.66
N VAL H 59 29.27 -2.66 -15.32
CA VAL H 59 28.22 -2.74 -16.33
C VAL H 59 27.17 -1.68 -16.03
N LYS H 60 26.67 -1.05 -17.10
CA LYS H 60 25.64 -0.04 -16.97
C LYS H 60 24.34 -0.57 -17.57
N ILE H 61 23.32 -0.66 -16.72
CA ILE H 61 21.99 -1.12 -17.13
C ILE H 61 21.05 0.09 -17.24
N SER H 62 20.89 0.60 -18.45
CA SER H 62 20.06 1.79 -18.67
C SER H 62 18.67 1.38 -19.14
N LEU H 63 17.68 1.47 -18.25
CA LEU H 63 16.33 1.05 -18.58
C LEU H 63 15.55 2.14 -19.32
N ASP H 64 14.67 1.73 -20.22
CA ASP H 64 13.77 2.66 -20.92
C ASP H 64 12.58 2.99 -20.03
N PHE H 65 12.85 3.66 -18.91
CA PHE H 65 11.82 4.05 -17.95
C PHE H 65 10.88 5.08 -18.57
N PRO H 66 9.56 4.95 -18.30
CA PRO H 66 8.87 3.95 -17.49
C PRO H 66 8.32 2.74 -18.24
N SER H 67 8.42 2.72 -19.57
CA SER H 67 7.81 1.62 -20.32
C SER H 67 8.57 0.30 -20.09
N GLU H 68 9.84 0.39 -19.75
CA GLU H 68 10.63 -0.79 -19.37
C GLU H 68 10.86 -0.82 -17.86
N TYR H 69 10.51 -1.93 -17.21
CA TYR H 69 10.70 -2.07 -15.77
C TYR H 69 11.03 -3.53 -15.42
N ILE H 70 11.69 -3.70 -14.29
CA ILE H 70 12.12 -5.02 -13.84
C ILE H 70 10.96 -5.91 -13.44
N ILE H 71 10.92 -7.14 -13.96
CA ILE H 71 9.88 -8.07 -13.58
C ILE H 71 10.41 -9.32 -12.86
N GLU H 72 11.74 -9.48 -12.84
CA GLU H 72 12.34 -10.57 -12.05
C GLU H 72 13.78 -10.25 -11.74
N VAL H 73 14.18 -10.51 -10.49
CA VAL H 73 15.59 -10.38 -10.11
C VAL H 73 16.07 -11.75 -9.65
N SER H 74 17.22 -12.17 -10.15
CA SER H 74 17.73 -13.49 -9.76
C SER H 74 19.24 -13.45 -9.57
N GLY H 75 19.80 -14.53 -9.06
CA GLY H 75 21.23 -14.58 -8.86
C GLY H 75 21.65 -15.78 -8.06
N HIS H 76 22.86 -15.70 -7.51
CA HIS H 76 23.42 -16.76 -6.68
C HIS H 76 24.08 -16.19 -5.44
N THR H 77 24.04 -16.95 -4.35
CA THR H 77 24.82 -16.59 -3.18
C THR H 77 25.72 -17.78 -2.85
N GLY H 78 26.86 -17.50 -2.23
CA GLY H 78 27.80 -18.54 -1.91
C GLY H 78 29.00 -17.97 -1.20
N LYS H 79 29.91 -18.84 -0.79
CA LYS H 79 31.03 -18.40 0.01
C LYS H 79 32.22 -17.99 -0.85
N VAL H 80 32.78 -16.84 -0.51
CA VAL H 80 34.02 -16.36 -1.11
C VAL H 80 34.95 -15.93 0.03
N SER H 81 36.13 -16.54 0.10
CA SER H 81 37.08 -16.28 1.19
C SER H 81 36.45 -16.39 2.57
N GLY H 82 35.51 -17.31 2.71
CA GLY H 82 34.87 -17.56 3.98
C GLY H 82 33.60 -16.77 4.23
N TYR H 83 33.30 -15.80 3.37
CA TYR H 83 32.13 -14.94 3.54
C TYR H 83 30.98 -15.30 2.62
N VAL H 84 29.76 -15.33 3.15
CA VAL H 84 28.59 -15.49 2.30
C VAL H 84 28.29 -14.18 1.59
N VAL H 85 28.30 -14.21 0.26
CA VAL H 85 28.12 -13.01 -0.54
C VAL H 85 27.19 -13.27 -1.71
N VAL H 86 26.77 -12.19 -2.38
CA VAL H 86 25.99 -12.29 -3.61
C VAL H 86 26.97 -12.46 -4.77
N ARG H 87 27.01 -13.64 -5.37
CA ARG H 87 27.99 -13.94 -6.40
C ARG H 87 27.57 -13.56 -7.81
N SER H 88 26.27 -13.57 -8.08
CA SER H 88 25.78 -13.12 -9.38
C SER H 88 24.42 -12.45 -9.27
N LEU H 89 24.13 -11.61 -10.27
CA LEU H 89 22.84 -10.94 -10.37
C LEU H 89 22.39 -10.95 -11.82
N ALA H 90 21.09 -11.14 -12.03
CA ALA H 90 20.47 -10.94 -13.33
C ALA H 90 19.18 -10.15 -13.15
N PHE H 91 18.94 -9.22 -14.07
CA PHE H 91 17.72 -8.43 -14.04
C PHE H 91 16.92 -8.67 -15.30
N LYS H 92 15.73 -9.23 -15.15
CA LYS H 92 14.85 -9.43 -16.28
C LYS H 92 13.80 -8.32 -16.28
N THR H 93 13.64 -7.65 -17.41
CA THR H 93 12.60 -6.63 -17.54
C THR H 93 11.53 -7.15 -18.49
N ASN H 94 10.48 -6.35 -18.72
CA ASN H 94 9.47 -6.74 -19.70
C ASN H 94 9.98 -6.65 -21.15
N LYS H 95 11.22 -6.20 -21.33
CA LYS H 95 11.80 -6.07 -22.68
C LYS H 95 12.96 -7.05 -22.92
N LYS H 96 13.84 -7.20 -21.93
CA LYS H 96 15.08 -7.95 -22.12
C LYS H 96 15.58 -8.53 -20.81
N THR H 97 16.66 -9.30 -20.90
CA THR H 97 17.35 -9.76 -19.70
C THR H 97 18.77 -9.19 -19.67
N TYR H 98 19.15 -8.66 -18.51
CA TYR H 98 20.49 -8.13 -18.29
C TYR H 98 21.23 -9.06 -17.33
N GLY H 99 22.29 -9.69 -17.82
CA GLY H 99 23.02 -10.63 -17.00
C GLY H 99 22.77 -12.07 -17.44
N PRO H 100 23.21 -13.04 -16.62
CA PRO H 100 23.87 -12.88 -15.32
C PRO H 100 25.27 -12.25 -15.35
N TYR H 101 25.57 -11.49 -14.31
CA TYR H 101 26.88 -10.89 -14.11
C TYR H 101 27.50 -11.51 -12.87
N GLY H 102 28.74 -11.98 -12.98
CA GLY H 102 29.44 -12.52 -11.83
C GLY H 102 29.66 -14.01 -11.95
N VAL H 103 29.55 -14.71 -10.82
CA VAL H 103 29.79 -16.14 -10.79
C VAL H 103 28.46 -16.87 -10.60
N THR H 104 28.08 -17.72 -11.55
CA THR H 104 26.79 -18.39 -11.47
C THR H 104 26.93 -19.75 -10.78
N SER H 105 27.42 -19.69 -9.54
CA SER H 105 27.65 -20.87 -8.73
C SER H 105 27.19 -20.62 -7.30
N GLY H 106 26.69 -21.66 -6.64
CA GLY H 106 26.21 -21.52 -5.29
C GLY H 106 24.71 -21.77 -5.24
N THR H 107 24.05 -21.13 -4.28
CA THR H 107 22.61 -21.28 -4.11
C THR H 107 21.87 -20.27 -4.96
N PRO H 108 21.05 -20.74 -5.91
CA PRO H 108 20.25 -19.76 -6.66
C PRO H 108 19.16 -19.11 -5.83
N PHE H 109 18.79 -17.88 -6.18
CA PHE H 109 17.56 -17.29 -5.71
C PHE H 109 16.89 -16.60 -6.88
N ASN H 110 15.59 -16.37 -6.79
CA ASN H 110 14.94 -15.58 -7.83
C ASN H 110 13.65 -14.97 -7.29
N LEU H 111 13.41 -13.71 -7.64
CA LEU H 111 12.19 -13.02 -7.23
C LEU H 111 11.43 -12.52 -8.46
N PRO H 112 10.46 -13.30 -8.93
CA PRO H 112 9.58 -12.80 -9.99
C PRO H 112 8.52 -11.91 -9.37
N ILE H 113 8.14 -10.85 -10.07
CA ILE H 113 7.10 -9.96 -9.58
C ILE H 113 5.93 -10.06 -10.52
N GLU H 114 4.83 -10.62 -10.02
CA GLU H 114 3.63 -10.77 -10.82
C GLU H 114 2.82 -9.48 -10.86
N ASN H 115 2.75 -8.77 -9.73
CA ASN H 115 2.11 -7.47 -9.66
C ASN H 115 2.88 -6.57 -8.71
N GLY H 116 3.37 -5.44 -9.21
CA GLY H 116 4.13 -4.53 -8.37
C GLY H 116 5.43 -4.08 -9.00
N LEU H 117 6.20 -3.30 -8.26
CA LEU H 117 7.41 -2.66 -8.76
C LEU H 117 8.49 -2.65 -7.70
N ILE H 118 9.73 -2.88 -8.14
CA ILE H 118 10.89 -2.61 -7.30
C ILE H 118 11.18 -1.11 -7.28
N VAL H 119 11.28 -0.52 -6.09
CA VAL H 119 11.48 0.92 -5.99
C VAL H 119 12.63 1.33 -5.08
N GLY H 120 13.43 0.36 -4.64
CA GLY H 120 14.54 0.69 -3.77
C GLY H 120 15.40 -0.52 -3.46
N PHE H 121 16.65 -0.26 -3.13
CA PHE H 121 17.59 -1.30 -2.75
C PHE H 121 18.29 -0.94 -1.45
N LYS H 122 18.57 -1.95 -0.64
CA LYS H 122 19.42 -1.76 0.54
C LYS H 122 20.29 -2.99 0.64
N GLY H 123 21.36 -2.91 1.42
CA GLY H 123 22.24 -4.06 1.56
C GLY H 123 23.52 -3.73 2.30
N SER H 124 24.60 -4.39 1.91
CA SER H 124 25.89 -4.18 2.53
C SER H 124 26.97 -4.60 1.54
N ILE H 125 28.06 -3.85 1.50
CA ILE H 125 29.17 -4.19 0.63
C ILE H 125 30.49 -4.09 1.40
N GLY H 126 31.28 -5.16 1.39
CA GLY H 126 32.63 -5.14 1.95
C GLY H 126 33.58 -5.30 0.79
N TYR H 127 34.33 -6.40 0.74
CA TYR H 127 35.03 -6.76 -0.49
C TYR H 127 33.99 -7.00 -1.58
N TRP H 128 32.87 -7.60 -1.20
CA TRP H 128 31.82 -7.94 -2.16
C TRP H 128 30.45 -7.57 -1.60
N LEU H 129 29.43 -7.60 -2.46
CA LEU H 129 28.05 -7.40 -2.00
C LEU H 129 27.70 -8.51 -1.02
N ASP H 130 27.55 -8.16 0.26
CA ASP H 130 27.30 -9.17 1.30
C ASP H 130 25.88 -9.69 1.24
N TYR H 131 24.93 -8.77 1.09
CA TYR H 131 23.53 -9.12 0.99
C TYR H 131 22.78 -7.94 0.41
N PHE H 132 21.55 -8.18 -0.03
CA PHE H 132 20.70 -7.06 -0.41
C PHE H 132 19.24 -7.40 -0.23
N SER H 133 18.43 -6.36 -0.13
CA SER H 133 16.99 -6.47 -0.04
C SER H 133 16.39 -5.47 -1.01
N MET H 134 15.11 -5.63 -1.33
CA MET H 134 14.42 -4.75 -2.27
C MET H 134 13.12 -4.21 -1.70
N TYR H 135 12.88 -2.94 -1.94
CA TYR H 135 11.61 -2.28 -1.62
C TYR H 135 10.59 -2.57 -2.72
N LEU H 136 9.40 -3.04 -2.36
CA LEU H 136 8.35 -3.35 -3.33
C LEU H 136 7.10 -2.50 -3.12
N SER H 137 6.48 -2.02 -4.19
CA SER H 137 5.24 -1.27 -4.04
C SER H 137 4.33 -1.50 -5.24
N LEU H 138 3.10 -0.99 -5.17
CA LEU H 138 2.22 -0.98 -6.34
C LEU H 138 2.45 0.23 -7.24
#